data_6GLB
#
_entry.id   6GLB
#
_cell.length_a   41.849
_cell.length_b   50.309
_cell.length_c   61.588
_cell.angle_alpha   91.74
_cell.angle_beta   90.28
_cell.angle_gamma   92.76
#
_symmetry.space_group_name_H-M   'P 1'
#
loop_
_entity.id
_entity.type
_entity.pdbx_description
1 polymer 'Tyrosine-protein kinase JAK3'
2 non-polymer 3-[5-(3-cyclohexyl-3,5,8,10-tetrazatricyclo[7.3.0.0^{2,6}]dodeca-1(9),2(6),4,7,11-pentaen-4-yl)furan-2-yl]propanenitrile
3 non-polymer 1-phenylurea
4 non-polymer 1,2-ETHANEDIOL
5 water water
#
_entity_poly.entity_id   1
_entity_poly.type   'polypeptide(L)'
_entity_poly.pdbx_seq_one_letter_code
;SMQDPTIFEERHLKYISQLGKGNFGSVELCRYDPLGDNTGALVAVKQLQHSGPDQQRDFQREIQILKALHSDFIVKYRGV
SYGPGRQSLRLVMEYLPSGCLRDFLQRHRARLDASRLLLYSSQICKGMEYLGSRRCVHRALAARNILVESEAHVKIADFG
LAKLLPLDKDYYVVREPGQSPIFWYAPESLSDNIFSRQSDVWSFGVVLYELFTYCDKSCSPSAEFLRMMGSERDVPALSR
LLELLEEGQRLPAPPACPAEVHELMKLCWAPSPQDRPSFSALGPQLDMLWSGSR
;
_entity_poly.pdbx_strand_id   A,B
#
# COMPACT_ATOMS: atom_id res chain seq x y z
N ASP A 4 -5.26 -38.34 -14.10
CA ASP A 4 -5.54 -37.74 -12.78
C ASP A 4 -6.99 -37.24 -12.69
N PRO A 5 -7.65 -37.43 -11.52
CA PRO A 5 -8.92 -36.72 -11.28
C PRO A 5 -8.73 -35.25 -10.93
N THR A 6 -7.47 -34.82 -10.72
CA THR A 6 -7.12 -33.44 -10.45
C THR A 6 -6.84 -32.57 -11.71
N ILE A 7 -7.02 -33.12 -12.91
CA ILE A 7 -6.97 -32.28 -14.11
C ILE A 7 -8.39 -31.99 -14.58
N PHE A 8 -8.77 -30.72 -14.52
CA PHE A 8 -10.11 -30.26 -14.91
C PHE A 8 -9.98 -29.58 -16.26
N GLU A 9 -10.74 -30.01 -17.24
CA GLU A 9 -10.65 -29.41 -18.56
C GLU A 9 -11.24 -28.01 -18.56
N GLU A 10 -10.44 -27.01 -18.89
CA GLU A 10 -10.90 -25.63 -19.04
C GLU A 10 -12.28 -25.54 -19.71
N ARG A 11 -12.43 -26.18 -20.85
CA ARG A 11 -13.71 -26.07 -21.60
C ARG A 11 -14.97 -26.56 -20.86
N HIS A 12 -14.81 -27.40 -19.82
CA HIS A 12 -15.95 -27.84 -18.96
C HIS A 12 -16.23 -27.01 -17.68
N LEU A 13 -15.35 -26.06 -17.33
CA LEU A 13 -15.62 -25.14 -16.23
C LEU A 13 -16.53 -23.99 -16.70
N LYS A 14 -17.74 -23.93 -16.14
CA LYS A 14 -18.76 -22.91 -16.45
C LYS A 14 -18.89 -21.85 -15.36
N TYR A 15 -18.50 -20.64 -15.71
CA TYR A 15 -18.45 -19.49 -14.80
C TYR A 15 -19.83 -19.10 -14.31
N ILE A 16 -19.93 -18.85 -13.01
CA ILE A 16 -21.19 -18.49 -12.38
C ILE A 16 -21.12 -17.11 -11.77
N SER A 17 -20.17 -16.92 -10.86
CA SER A 17 -20.08 -15.68 -10.10
C SER A 17 -18.71 -15.54 -9.44
N GLN A 18 -18.45 -14.36 -8.86
CA GLN A 18 -17.16 -14.06 -8.22
C GLN A 18 -17.27 -14.33 -6.74
N LEU A 19 -16.34 -15.07 -6.18
CA LEU A 19 -16.40 -15.28 -4.73
C LEU A 19 -15.59 -14.26 -3.93
N GLY A 20 -14.47 -13.85 -4.49
CA GLY A 20 -13.53 -12.97 -3.80
C GLY A 20 -12.55 -12.53 -4.85
N LYS A 21 -11.83 -11.46 -4.56
CA LYS A 21 -11.17 -10.67 -5.59
C LYS A 21 -9.99 -9.90 -5.00
N GLY A 22 -8.83 -9.99 -5.63
CA GLY A 22 -7.66 -9.17 -5.25
C GLY A 22 -7.18 -8.35 -6.43
N ASN A 23 -6.01 -7.74 -6.28
CA ASN A 23 -5.37 -6.99 -7.38
C ASN A 23 -5.01 -7.90 -8.54
N PHE A 24 -4.45 -9.07 -8.20
CA PHE A 24 -3.82 -9.95 -9.16
C PHE A 24 -4.66 -11.15 -9.54
N GLY A 25 -5.76 -11.37 -8.84
CA GLY A 25 -6.58 -12.53 -9.14
C GLY A 25 -7.96 -12.50 -8.55
N SER A 26 -8.74 -13.51 -8.90
CA SER A 26 -10.05 -13.70 -8.32
C SER A 26 -10.39 -15.19 -8.18
N VAL A 27 -11.26 -15.46 -7.23
CA VAL A 27 -11.81 -16.78 -7.03
C VAL A 27 -13.25 -16.73 -7.51
N GLU A 28 -13.59 -17.64 -8.41
CA GLU A 28 -14.90 -17.61 -9.07
C GLU A 28 -15.65 -18.91 -8.74
N LEU A 29 -16.94 -18.77 -8.49
CA LEU A 29 -17.85 -19.90 -8.44
C LEU A 29 -18.02 -20.38 -9.85
N CYS A 30 -17.79 -21.66 -10.05
CA CYS A 30 -17.94 -22.31 -11.37
C CYS A 30 -18.64 -23.64 -11.19
N ARG A 31 -19.23 -24.15 -12.27
CA ARG A 31 -19.67 -25.54 -12.32
C ARG A 31 -18.74 -26.25 -13.25
N TYR A 32 -18.21 -27.38 -12.80
CA TYR A 32 -17.47 -28.26 -13.67
C TYR A 32 -18.52 -29.15 -14.31
N ASP A 33 -18.78 -28.95 -15.60
CA ASP A 33 -19.91 -29.62 -16.25
C ASP A 33 -19.43 -30.49 -17.43
N PRO A 34 -18.74 -31.60 -17.13
CA PRO A 34 -18.32 -32.54 -18.21
C PRO A 34 -19.46 -33.10 -19.09
N LEU A 35 -20.63 -33.36 -18.53
CA LEU A 35 -21.79 -33.84 -19.33
C LEU A 35 -22.57 -32.74 -20.07
N GLY A 36 -22.23 -31.47 -19.82
CA GLY A 36 -22.76 -30.36 -20.59
C GLY A 36 -24.23 -30.07 -20.41
N ASP A 37 -24.87 -30.72 -19.42
CA ASP A 37 -26.31 -30.61 -19.15
C ASP A 37 -26.62 -29.81 -17.87
N ASN A 38 -25.69 -28.94 -17.47
CA ASN A 38 -25.77 -28.16 -16.23
C ASN A 38 -26.01 -28.96 -14.91
N THR A 39 -25.54 -30.22 -14.87
CA THR A 39 -25.65 -31.06 -13.64
C THR A 39 -24.34 -31.26 -12.87
N GLY A 40 -23.24 -30.73 -13.40
CA GLY A 40 -21.92 -30.97 -12.79
C GLY A 40 -21.76 -30.30 -11.45
N ALA A 41 -20.71 -30.70 -10.72
CA ALA A 41 -20.46 -30.21 -9.38
C ALA A 41 -20.06 -28.75 -9.43
N LEU A 42 -20.37 -28.00 -8.37
CA LEU A 42 -19.87 -26.62 -8.23
C LEU A 42 -18.49 -26.64 -7.57
N VAL A 43 -17.59 -25.80 -8.05
CA VAL A 43 -16.21 -25.68 -7.52
C VAL A 43 -15.87 -24.18 -7.45
N ALA A 44 -14.80 -23.89 -6.72
CA ALA A 44 -14.28 -22.57 -6.58
C ALA A 44 -13.01 -22.61 -7.33
N VAL A 45 -12.86 -21.65 -8.26
CA VAL A 45 -11.76 -21.67 -9.19
C VAL A 45 -11.02 -20.33 -9.13
N LYS A 46 -9.73 -20.41 -8.87
CA LYS A 46 -8.89 -19.24 -8.83
C LYS A 46 -8.14 -19.04 -10.15
N GLN A 47 -8.08 -17.78 -10.59
CA GLN A 47 -7.31 -17.38 -11.77
C GLN A 47 -6.73 -15.99 -11.59
N LEU A 48 -5.71 -15.66 -12.37
CA LEU A 48 -5.08 -14.35 -12.30
C LEU A 48 -5.59 -13.41 -13.40
N GLN A 49 -5.75 -12.12 -13.06
CA GLN A 49 -5.83 -11.04 -14.06
C GLN A 49 -4.98 -9.86 -13.55
N HIS A 50 -4.28 -9.17 -14.47
CA HIS A 50 -3.18 -8.20 -14.14
C HIS A 50 -1.94 -8.91 -13.59
N SER A 51 -1.48 -9.94 -14.30
CA SER A 51 -0.42 -10.80 -13.78
C SER A 51 0.83 -10.78 -14.65
N GLY A 52 1.94 -10.34 -14.05
CA GLY A 52 3.27 -10.53 -14.60
C GLY A 52 3.92 -11.79 -14.02
N PRO A 53 5.16 -12.05 -14.43
CA PRO A 53 5.95 -13.23 -14.00
C PRO A 53 5.90 -13.56 -12.50
N ASP A 54 6.09 -12.54 -11.65
CA ASP A 54 6.05 -12.71 -10.16
C ASP A 54 4.73 -13.33 -9.68
N GLN A 55 3.62 -12.78 -10.15
CA GLN A 55 2.29 -13.21 -9.72
C GLN A 55 2.03 -14.64 -10.13
N GLN A 56 2.38 -14.97 -11.36
CA GLN A 56 2.24 -16.34 -11.89
C GLN A 56 3.16 -17.32 -11.14
N ARG A 57 4.34 -16.85 -10.78
CA ARG A 57 5.27 -17.65 -9.99
C ARG A 57 4.70 -17.90 -8.62
N ASP A 58 4.12 -16.88 -7.97
CA ASP A 58 3.55 -17.07 -6.64
C ASP A 58 2.34 -17.98 -6.70
N PHE A 59 1.60 -17.92 -7.81
CA PHE A 59 0.39 -18.70 -7.96
C PHE A 59 0.73 -20.18 -8.07
N GLN A 60 1.81 -20.46 -8.79
CA GLN A 60 2.37 -21.81 -8.86
C GLN A 60 2.74 -22.36 -7.46
N ARG A 61 3.35 -21.52 -6.65
CA ARG A 61 3.58 -21.83 -5.22
CA ARG A 61 3.58 -21.83 -5.22
C ARG A 61 2.25 -22.07 -4.47
N GLU A 62 1.29 -21.14 -4.61
CA GLU A 62 -0.02 -21.33 -4.00
C GLU A 62 -0.56 -22.76 -4.23
N ILE A 63 -0.55 -23.15 -5.51
CA ILE A 63 -1.08 -24.43 -5.99
C ILE A 63 -0.32 -25.60 -5.30
N GLN A 64 0.99 -25.51 -5.24
CA GLN A 64 1.78 -26.62 -4.77
C GLN A 64 1.64 -26.79 -3.27
N ILE A 65 1.58 -25.67 -2.54
CA ILE A 65 1.25 -25.67 -1.10
C ILE A 65 -0.12 -26.28 -0.84
N LEU A 66 -1.18 -25.70 -1.42
CA LEU A 66 -2.52 -26.18 -1.10
C LEU A 66 -2.74 -27.65 -1.46
N LYS A 67 -2.26 -28.04 -2.65
CA LYS A 67 -2.20 -29.45 -3.07
C LYS A 67 -1.60 -30.40 -2.01
N ALA A 68 -0.54 -29.99 -1.32
CA ALA A 68 0.07 -30.86 -0.32
C ALA A 68 -0.60 -30.88 1.04
N LEU A 69 -1.55 -29.98 1.33
CA LEU A 69 -2.20 -29.90 2.64
C LEU A 69 -3.45 -30.81 2.74
N HIS A 70 -3.54 -31.56 3.84
CA HIS A 70 -4.65 -32.45 4.06
C HIS A 70 -5.13 -32.29 5.46
N SER A 71 -5.87 -31.21 5.69
CA SER A 71 -6.42 -30.91 7.00
C SER A 71 -7.92 -30.66 6.85
N ASP A 72 -8.65 -31.13 7.84
CA ASP A 72 -10.06 -30.80 8.07
C ASP A 72 -10.33 -29.28 8.20
N PHE A 73 -9.30 -28.50 8.55
CA PHE A 73 -9.50 -27.08 8.83
C PHE A 73 -8.84 -26.20 7.83
N ILE A 74 -8.52 -26.75 6.64
CA ILE A 74 -7.97 -26.00 5.54
C ILE A 74 -8.74 -26.35 4.26
N VAL A 75 -9.05 -25.32 3.47
CA VAL A 75 -9.77 -25.45 2.24
C VAL A 75 -9.11 -26.50 1.34
N LYS A 76 -9.93 -27.39 0.80
CA LYS A 76 -9.49 -28.56 0.04
C LYS A 76 -9.19 -28.20 -1.45
N TYR A 77 -7.95 -28.49 -1.86
CA TYR A 77 -7.53 -28.60 -3.25
C TYR A 77 -8.25 -29.72 -3.95
N ARG A 78 -8.73 -29.43 -5.17
CA ARG A 78 -9.33 -30.45 -6.03
C ARG A 78 -8.49 -30.68 -7.27
N GLY A 79 -7.98 -29.61 -7.87
CA GLY A 79 -7.22 -29.78 -9.10
C GLY A 79 -6.75 -28.51 -9.73
N VAL A 80 -6.28 -28.63 -10.96
CA VAL A 80 -5.96 -27.47 -11.75
C VAL A 80 -6.65 -27.63 -13.09
N SER A 81 -6.78 -26.50 -13.78
CA SER A 81 -7.00 -26.48 -15.21
C SER A 81 -5.97 -25.60 -15.91
N TYR A 82 -5.92 -25.71 -17.22
CA TYR A 82 -5.06 -24.91 -18.06
C TYR A 82 -5.66 -24.87 -19.43
N GLY A 83 -5.39 -23.79 -20.15
CA GLY A 83 -6.05 -23.50 -21.43
C GLY A 83 -5.24 -22.54 -22.27
N PRO A 84 -5.92 -21.66 -23.06
CA PRO A 84 -5.25 -20.91 -24.15
C PRO A 84 -4.11 -20.00 -23.76
N GLY A 85 -4.38 -19.00 -22.93
CA GLY A 85 -3.38 -18.01 -22.57
C GLY A 85 -2.22 -18.54 -21.74
N ARG A 86 -1.26 -17.65 -21.53
CA ARG A 86 -0.22 -17.82 -20.52
C ARG A 86 -0.79 -17.56 -19.11
N GLN A 87 -1.91 -16.82 -19.02
CA GLN A 87 -2.62 -16.64 -17.75
C GLN A 87 -3.77 -17.67 -17.55
N SER A 88 -3.75 -18.78 -18.28
CA SER A 88 -4.85 -19.73 -18.28
C SER A 88 -4.80 -20.81 -17.18
N LEU A 89 -3.73 -20.85 -16.40
CA LEU A 89 -3.63 -21.74 -15.22
C LEU A 89 -4.77 -21.44 -14.22
N ARG A 90 -5.47 -22.49 -13.78
CA ARG A 90 -6.52 -22.36 -12.77
C ARG A 90 -6.25 -23.29 -11.60
N LEU A 91 -6.67 -22.86 -10.42
CA LEU A 91 -6.62 -23.68 -9.23
C LEU A 91 -8.07 -23.99 -8.86
N VAL A 92 -8.46 -25.27 -8.93
CA VAL A 92 -9.83 -25.69 -8.62
C VAL A 92 -9.82 -26.13 -7.17
N MET A 93 -10.80 -25.68 -6.40
CA MET A 93 -10.92 -25.99 -4.98
C MET A 93 -12.35 -26.32 -4.67
N GLU A 94 -12.61 -26.89 -3.50
CA GLU A 94 -13.99 -27.10 -3.06
C GLU A 94 -14.68 -25.72 -2.89
N TYR A 95 -16.00 -25.72 -3.09
CA TYR A 95 -16.84 -24.56 -2.90
C TYR A 95 -17.58 -24.71 -1.61
N LEU A 96 -17.41 -23.74 -0.71
CA LEU A 96 -18.14 -23.67 0.55
C LEU A 96 -19.23 -22.59 0.50
N PRO A 97 -20.50 -23.03 0.30
CA PRO A 97 -21.62 -22.09 0.03
C PRO A 97 -22.03 -21.22 1.21
N SER A 98 -21.67 -21.62 2.42
CA SER A 98 -21.97 -20.75 3.58
C SER A 98 -21.12 -19.48 3.64
N GLY A 99 -20.08 -19.39 2.83
CA GLY A 99 -19.23 -18.18 2.75
C GLY A 99 -18.25 -18.03 3.93
N CYS A 100 -17.76 -16.80 4.09
CA CYS A 100 -16.71 -16.53 5.03
C CYS A 100 -17.27 -16.33 6.44
N LEU A 101 -16.42 -16.61 7.40
CA LEU A 101 -16.74 -16.51 8.83
C LEU A 101 -17.09 -15.10 9.30
N ARG A 102 -16.35 -14.12 8.77
CA ARG A 102 -16.66 -12.71 9.01
C ARG A 102 -18.13 -12.44 8.76
N ASP A 103 -18.64 -12.84 7.60
CA ASP A 103 -20.01 -12.51 7.19
C ASP A 103 -21.06 -13.28 8.00
N PHE A 104 -20.71 -14.52 8.29
CA PHE A 104 -21.46 -15.44 9.10
C PHE A 104 -21.63 -14.95 10.54
N LEU A 105 -20.54 -14.49 11.16
CA LEU A 105 -20.64 -13.85 12.51
C LEU A 105 -21.48 -12.57 12.51
N GLN A 106 -21.33 -11.74 11.48
CA GLN A 106 -22.15 -10.51 11.37
C GLN A 106 -23.65 -10.84 11.18
N ARG A 107 -23.95 -11.84 10.36
CA ARG A 107 -25.34 -12.26 10.16
C ARG A 107 -25.90 -12.88 11.42
N HIS A 108 -25.24 -13.92 11.94
CA HIS A 108 -25.81 -14.78 12.98
C HIS A 108 -25.41 -14.46 14.40
N ARG A 109 -24.76 -13.31 14.57
CA ARG A 109 -24.35 -12.79 15.84
C ARG A 109 -25.17 -13.35 16.99
N ALA A 110 -26.47 -13.06 16.98
CA ALA A 110 -27.30 -13.20 18.17
C ALA A 110 -27.56 -14.65 18.61
N ARG A 111 -27.23 -15.62 17.76
CA ARG A 111 -27.32 -17.04 18.16
C ARG A 111 -25.99 -17.76 18.28
N LEU A 112 -24.87 -17.03 18.27
CA LEU A 112 -23.55 -17.67 18.42
C LEU A 112 -22.93 -17.29 19.75
N ASP A 113 -22.95 -18.22 20.69
CA ASP A 113 -22.36 -17.99 21.99
C ASP A 113 -20.84 -18.13 21.99
N ALA A 114 -20.27 -17.74 23.12
CA ALA A 114 -18.84 -17.91 23.44
C ALA A 114 -18.34 -19.34 23.18
N SER A 115 -19.18 -20.35 23.46
CA SER A 115 -18.79 -21.74 23.27
C SER A 115 -18.52 -22.02 21.82
N ARG A 116 -19.39 -21.51 20.95
CA ARG A 116 -19.19 -21.68 19.49
C ARG A 116 -17.96 -20.89 18.95
N LEU A 117 -17.77 -19.65 19.42
CA LEU A 117 -16.62 -18.86 19.00
C LEU A 117 -15.33 -19.55 19.43
N LEU A 118 -15.37 -20.22 20.60
CA LEU A 118 -14.25 -21.04 21.09
C LEU A 118 -13.97 -22.25 20.20
N LEU A 119 -15.00 -22.91 19.72
CA LEU A 119 -14.86 -24.02 18.76
C LEU A 119 -14.19 -23.55 17.46
N TYR A 120 -14.62 -22.40 16.96
CA TYR A 120 -14.00 -21.85 15.74
C TYR A 120 -12.53 -21.53 15.99
N SER A 121 -12.27 -20.94 17.17
CA SER A 121 -10.92 -20.54 17.59
C SER A 121 -10.05 -21.75 17.64
N SER A 122 -10.56 -22.84 18.23
CA SER A 122 -9.79 -24.05 18.34
C SER A 122 -9.56 -24.68 16.96
N GLN A 123 -10.57 -24.65 16.10
CA GLN A 123 -10.40 -25.12 14.69
C GLN A 123 -9.44 -24.31 13.81
N ILE A 124 -9.51 -22.99 13.91
CA ILE A 124 -8.51 -22.13 13.19
C ILE A 124 -7.08 -22.44 13.70
N CYS A 125 -6.95 -22.63 15.00
CA CYS A 125 -5.61 -22.88 15.61
C CYS A 125 -4.99 -24.21 15.17
N LYS A 126 -5.81 -25.24 14.97
CA LYS A 126 -5.37 -26.55 14.50
C LYS A 126 -4.93 -26.50 13.05
N GLY A 127 -5.76 -25.91 12.18
CA GLY A 127 -5.34 -25.54 10.83
C GLY A 127 -3.97 -24.85 10.81
N MET A 128 -3.74 -23.90 11.71
CA MET A 128 -2.45 -23.14 11.74
C MET A 128 -1.34 -23.99 12.33
N GLU A 129 -1.62 -24.83 13.32
CA GLU A 129 -0.64 -25.85 13.78
C GLU A 129 -0.17 -26.76 12.64
N TYR A 130 -1.13 -27.26 11.90
CA TYR A 130 -0.86 -28.06 10.69
C TYR A 130 0.01 -27.32 9.67
N LEU A 131 -0.29 -26.06 9.40
CA LEU A 131 0.60 -25.29 8.53
C LEU A 131 2.03 -25.14 9.11
N GLY A 132 2.14 -24.83 10.39
CA GLY A 132 3.41 -24.72 11.08
C GLY A 132 4.25 -25.99 11.07
N SER A 133 3.59 -27.16 11.14
CA SER A 133 4.29 -28.45 10.97
C SER A 133 4.81 -28.65 9.54
N ARG A 134 4.23 -27.95 8.59
CA ARG A 134 4.72 -27.95 7.20
C ARG A 134 5.59 -26.73 6.89
N ARG A 135 5.91 -25.94 7.91
CA ARG A 135 6.81 -24.77 7.74
C ARG A 135 6.25 -23.72 6.79
N CYS A 136 4.93 -23.58 6.79
CA CYS A 136 4.18 -22.66 5.96
C CYS A 136 3.66 -21.46 6.75
N VAL A 137 3.98 -20.29 6.26
CA VAL A 137 3.53 -19.05 6.83
C VAL A 137 2.36 -18.63 5.91
N HIS A 138 1.21 -18.41 6.50
CA HIS A 138 -0.02 -18.09 5.78
C HIS A 138 -0.10 -16.63 5.31
N ARG A 139 0.10 -15.68 6.22
CA ARG A 139 0.24 -14.22 5.84
C ARG A 139 -1.05 -13.44 5.52
N ALA A 140 -2.19 -14.05 5.78
CA ALA A 140 -3.50 -13.51 5.39
C ALA A 140 -4.61 -14.01 6.31
N LEU A 141 -4.23 -14.38 7.52
CA LEU A 141 -5.14 -14.97 8.49
C LEU A 141 -6.02 -13.87 9.03
N ALA A 142 -7.29 -13.89 8.65
CA ALA A 142 -8.31 -12.94 9.06
C ALA A 142 -9.66 -13.65 8.85
N ALA A 143 -10.67 -13.27 9.60
CA ALA A 143 -11.96 -13.98 9.50
C ALA A 143 -12.60 -13.94 8.12
N ARG A 144 -12.35 -12.89 7.34
CA ARG A 144 -12.89 -12.82 5.97
C ARG A 144 -12.32 -13.92 5.07
N ASN A 145 -11.16 -14.49 5.43
CA ASN A 145 -10.49 -15.57 4.71
C ASN A 145 -10.62 -16.97 5.35
N ILE A 146 -11.37 -17.06 6.43
CA ILE A 146 -11.80 -18.29 7.01
C ILE A 146 -13.21 -18.63 6.40
N LEU A 147 -13.40 -19.88 5.99
CA LEU A 147 -14.72 -20.30 5.43
C LEU A 147 -15.56 -21.20 6.34
N VAL A 148 -16.90 -21.13 6.15
CA VAL A 148 -17.85 -21.91 6.96
C VAL A 148 -18.21 -23.14 6.10
N GLU A 149 -17.84 -24.30 6.62
CA GLU A 149 -18.17 -25.58 6.04
C GLU A 149 -19.52 -25.98 6.58
N SER A 150 -19.75 -25.76 7.85
CA SER A 150 -21.02 -25.93 8.48
C SER A 150 -20.98 -24.99 9.66
N GLU A 151 -22.07 -24.93 10.40
CA GLU A 151 -22.14 -24.05 11.58
C GLU A 151 -21.14 -24.39 12.72
N ALA A 152 -20.64 -25.63 12.76
CA ALA A 152 -19.68 -26.08 13.78
C ALA A 152 -18.34 -26.48 13.15
N HIS A 153 -18.03 -25.92 11.98
CA HIS A 153 -16.83 -26.32 11.24
C HIS A 153 -16.35 -25.26 10.23
N VAL A 154 -15.15 -24.72 10.52
CA VAL A 154 -14.49 -23.74 9.70
C VAL A 154 -13.16 -24.18 9.09
N LYS A 155 -12.80 -23.52 7.99
CA LYS A 155 -11.62 -23.85 7.27
C LYS A 155 -10.85 -22.62 6.84
N ILE A 156 -9.52 -22.72 6.86
CA ILE A 156 -8.68 -21.66 6.42
C ILE A 156 -8.56 -21.70 4.88
N ALA A 157 -8.74 -20.50 4.29
CA ALA A 157 -8.67 -20.26 2.86
C ALA A 157 -7.70 -19.12 2.58
N ASP A 158 -7.75 -18.56 1.36
CA ASP A 158 -6.80 -17.58 0.83
C ASP A 158 -5.32 -17.83 1.13
N PHE A 159 -4.71 -18.70 0.33
CA PHE A 159 -3.30 -19.02 0.42
C PHE A 159 -2.54 -18.24 -0.63
N GLY A 160 -3.14 -17.15 -1.18
CA GLY A 160 -2.44 -16.28 -2.14
C GLY A 160 -1.02 -15.86 -1.74
N LEU A 161 -0.81 -15.53 -0.46
CA LEU A 161 0.42 -15.02 0.04
C LEU A 161 1.27 -16.03 0.81
N ALA A 162 0.78 -17.26 1.01
CA ALA A 162 1.48 -18.23 1.83
C ALA A 162 2.85 -18.56 1.29
N LYS A 163 3.77 -18.83 2.20
CA LYS A 163 5.12 -19.16 1.76
C LYS A 163 5.77 -20.11 2.77
N LEU A 164 6.60 -21.00 2.24
CA LEU A 164 7.33 -21.94 3.04
C LEU A 164 8.61 -21.26 3.53
N LEU A 165 8.92 -21.54 4.79
CA LEU A 165 10.21 -21.22 5.39
C LEU A 165 11.29 -22.06 4.77
N PRO A 166 12.47 -21.47 4.51
CA PRO A 166 13.65 -22.29 4.24
C PRO A 166 13.84 -23.40 5.30
N LEU A 167 14.51 -24.48 4.91
CA LEU A 167 14.83 -25.55 5.86
C LEU A 167 15.78 -25.08 6.98
N ASP A 168 16.62 -24.09 6.71
CA ASP A 168 17.60 -23.58 7.71
C ASP A 168 17.19 -22.28 8.47
N LYS A 169 16.07 -21.64 8.12
CA LYS A 169 15.63 -20.39 8.79
C LYS A 169 14.16 -20.49 9.20
N ASP A 170 13.79 -19.89 10.34
CA ASP A 170 12.40 -19.85 10.84
C ASP A 170 11.66 -18.52 10.55
N TYR A 171 12.23 -17.69 9.69
CA TYR A 171 11.54 -16.58 9.11
C TYR A 171 11.99 -16.46 7.66
N TYR A 172 11.34 -15.56 6.95
CA TYR A 172 11.84 -15.02 5.69
C TYR A 172 11.46 -13.55 5.60
N VAL A 173 12.01 -12.88 4.61
CA VAL A 173 11.76 -11.48 4.38
C VAL A 173 11.19 -11.30 2.99
N VAL A 174 10.24 -10.38 2.86
CA VAL A 174 9.68 -10.00 1.54
C VAL A 174 10.17 -8.61 1.19
N ARG A 175 9.96 -8.19 -0.06
CA ARG A 175 10.57 -6.93 -0.53
C ARG A 175 9.82 -5.65 -0.09
N GLN A 179 -0.44 -4.56 -1.16
CA GLN A 179 -1.22 -4.13 -0.01
C GLN A 179 -1.33 -5.24 1.03
N SER A 180 -1.01 -4.90 2.28
CA SER A 180 -1.22 -5.77 3.45
C SER A 180 -2.39 -5.29 4.33
N PRO A 181 -3.05 -6.18 5.05
CA PRO A 181 -4.10 -5.78 6.00
C PRO A 181 -3.48 -5.27 7.33
N ILE A 182 -3.21 -3.97 7.45
CA ILE A 182 -2.18 -3.50 8.41
C ILE A 182 -2.54 -3.85 9.83
N PHE A 183 -3.82 -3.83 10.14
CA PHE A 183 -4.29 -4.10 11.50
C PHE A 183 -4.23 -5.53 11.96
N TRP A 184 -3.88 -6.45 11.04
CA TRP A 184 -3.74 -7.89 11.37
C TRP A 184 -2.25 -8.30 11.47
N TYR A 185 -1.35 -7.36 11.17
CA TYR A 185 0.06 -7.69 10.94
C TYR A 185 0.93 -7.38 12.11
N ALA A 186 1.93 -8.23 12.33
CA ALA A 186 2.81 -8.08 13.46
C ALA A 186 3.66 -6.90 13.18
N PRO A 187 4.04 -6.18 14.24
CA PRO A 187 4.96 -4.99 14.06
C PRO A 187 6.19 -5.27 13.23
N GLU A 188 6.89 -6.39 13.47
CA GLU A 188 8.10 -6.72 12.69
C GLU A 188 7.84 -6.99 11.22
N SER A 189 6.61 -7.32 10.87
CA SER A 189 6.21 -7.52 9.47
C SER A 189 5.95 -6.20 8.81
N LEU A 190 5.34 -5.29 9.58
CA LEU A 190 4.98 -3.97 9.13
C LEU A 190 6.20 -3.17 8.85
N SER A 191 7.18 -3.24 9.76
CA SER A 191 8.32 -2.35 9.76
C SER A 191 9.51 -2.84 8.99
N ASP A 192 9.70 -4.15 9.02
CA ASP A 192 10.89 -4.83 8.52
C ASP A 192 10.57 -5.98 7.49
N ASN A 193 9.28 -6.21 7.16
CA ASN A 193 8.88 -7.22 6.20
C ASN A 193 9.36 -8.60 6.66
N ILE A 194 9.39 -8.81 7.97
CA ILE A 194 9.79 -10.08 8.52
C ILE A 194 8.54 -10.92 8.80
N PHE A 195 8.51 -12.11 8.21
CA PHE A 195 7.41 -13.04 8.37
C PHE A 195 7.86 -14.39 8.94
N SER A 196 7.03 -14.99 9.76
CA SER A 196 7.35 -16.27 10.40
C SER A 196 6.06 -16.84 10.93
N ARG A 197 6.13 -18.04 11.52
CA ARG A 197 4.97 -18.64 12.16
C ARG A 197 4.49 -17.80 13.37
N GLN A 198 5.47 -17.15 13.99
CA GLN A 198 5.22 -16.20 15.05
C GLN A 198 4.51 -14.90 14.56
N SER A 199 4.71 -14.48 13.30
CA SER A 199 3.91 -13.31 12.78
C SER A 199 2.44 -13.74 12.46
N ASP A 200 2.25 -15.00 12.10
CA ASP A 200 0.90 -15.54 11.98
C ASP A 200 0.22 -15.61 13.35
N VAL A 201 0.96 -15.87 14.43
CA VAL A 201 0.39 -15.89 15.81
C VAL A 201 -0.21 -14.55 16.18
N TRP A 202 0.52 -13.46 15.85
CA TRP A 202 0.03 -12.12 16.07
C TRP A 202 -1.34 -11.94 15.32
N SER A 203 -1.36 -12.28 14.03
CA SER A 203 -2.62 -12.28 13.26
C SER A 203 -3.74 -13.05 13.89
N PHE A 204 -3.41 -14.20 14.48
CA PHE A 204 -4.41 -15.07 15.08
C PHE A 204 -5.08 -14.43 16.29
N GLY A 205 -4.24 -13.78 17.11
CA GLY A 205 -4.72 -12.86 18.17
C GLY A 205 -5.77 -11.87 17.63
N VAL A 206 -5.55 -11.27 16.46
CA VAL A 206 -6.51 -10.30 15.90
C VAL A 206 -7.78 -11.09 15.40
N VAL A 207 -7.59 -12.30 14.89
CA VAL A 207 -8.71 -13.19 14.59
C VAL A 207 -9.52 -13.49 15.83
N LEU A 208 -8.84 -13.72 16.97
CA LEU A 208 -9.60 -13.91 18.17
C LEU A 208 -10.43 -12.70 18.46
N TYR A 209 -9.81 -11.51 18.30
CA TYR A 209 -10.56 -10.30 18.56
C TYR A 209 -11.77 -10.15 17.60
N GLU A 210 -11.59 -10.56 16.34
CA GLU A 210 -12.71 -10.60 15.42
C GLU A 210 -13.84 -11.55 15.83
N LEU A 211 -13.47 -12.75 16.28
CA LEU A 211 -14.41 -13.75 16.71
C LEU A 211 -15.21 -13.22 17.89
N PHE A 212 -14.52 -12.61 18.87
CA PHE A 212 -15.21 -12.20 20.07
C PHE A 212 -15.84 -10.83 20.05
N THR A 213 -15.66 -10.08 18.96
CA THR A 213 -16.52 -8.93 18.64
C THR A 213 -17.62 -9.26 17.59
N TYR A 214 -17.66 -10.51 17.11
CA TYR A 214 -18.62 -10.95 16.09
C TYR A 214 -18.41 -10.19 14.80
N CYS A 215 -17.15 -9.83 14.56
CA CYS A 215 -16.78 -8.92 13.48
C CYS A 215 -17.68 -7.65 13.39
N ASP A 216 -18.12 -7.12 14.52
CA ASP A 216 -18.91 -5.91 14.48
C ASP A 216 -18.07 -4.80 13.87
N LYS A 217 -18.66 -4.08 12.93
CA LYS A 217 -17.96 -3.04 12.22
C LYS A 217 -17.71 -1.81 13.13
N SER A 218 -18.57 -1.58 14.13
CA SER A 218 -18.35 -0.50 15.11
C SER A 218 -17.10 -0.77 15.99
N CYS A 219 -16.80 -2.07 16.20
CA CYS A 219 -15.74 -2.59 17.07
C CYS A 219 -14.52 -2.99 16.30
N SER A 220 -14.52 -2.81 14.98
CA SER A 220 -13.46 -3.36 14.15
C SER A 220 -12.04 -2.84 14.60
N PRO A 221 -10.96 -3.54 14.23
CA PRO A 221 -9.61 -3.02 14.43
C PRO A 221 -9.37 -1.62 13.86
N SER A 222 -9.85 -1.38 12.65
CA SER A 222 -9.75 -0.06 12.04
C SER A 222 -10.54 0.98 12.84
N ALA A 223 -11.74 0.61 13.29
CA ALA A 223 -12.58 1.52 14.07
C ALA A 223 -11.98 1.87 15.42
N GLU A 224 -11.43 0.87 16.09
CA GLU A 224 -10.73 1.05 17.34
C GLU A 224 -9.46 1.91 17.15
N PHE A 225 -8.76 1.74 16.04
CA PHE A 225 -7.59 2.55 15.73
C PHE A 225 -7.97 4.01 15.57
N LEU A 226 -9.09 4.28 14.85
CA LEU A 226 -9.57 5.65 14.66
C LEU A 226 -9.94 6.30 15.98
N ARG A 227 -10.43 5.50 16.95
CA ARG A 227 -10.69 5.94 18.32
C ARG A 227 -9.44 6.10 19.19
N MET A 228 -8.45 5.23 19.00
CA MET A 228 -7.16 5.31 19.74
C MET A 228 -6.21 6.40 19.23
N MET A 229 -6.61 7.03 18.13
CA MET A 229 -5.72 7.86 17.34
C MET A 229 -5.33 9.18 18.00
N GLY A 230 -6.22 9.69 18.86
CA GLY A 230 -6.12 11.05 19.32
C GLY A 230 -6.85 11.96 18.34
N SER A 231 -6.62 13.27 18.44
CA SER A 231 -7.23 14.25 17.51
C SER A 231 -6.39 14.51 16.25
N GLU A 232 -5.26 13.82 16.09
CA GLU A 232 -4.38 14.00 14.94
C GLU A 232 -4.75 12.94 13.93
N ARG A 233 -5.71 13.27 13.06
CA ARG A 233 -6.29 12.31 12.09
C ARG A 233 -5.62 12.36 10.70
N ASP A 234 -4.71 13.31 10.49
CA ASP A 234 -3.91 13.41 9.24
C ASP A 234 -2.55 12.72 9.36
N VAL A 235 -2.37 11.94 10.42
CA VAL A 235 -1.16 11.15 10.58
C VAL A 235 -1.42 9.87 9.85
N PRO A 236 -0.49 9.44 9.00
CA PRO A 236 -0.58 8.13 8.33
C PRO A 236 -0.92 7.01 9.30
N ALA A 237 -1.87 6.16 8.91
CA ALA A 237 -2.28 5.01 9.74
C ALA A 237 -1.08 4.13 10.17
N LEU A 238 -0.26 3.72 9.22
CA LEU A 238 0.79 2.77 9.51
C LEU A 238 1.77 3.35 10.50
N SER A 239 2.12 4.61 10.27
CA SER A 239 3.11 5.27 11.15
C SER A 239 2.60 5.31 12.56
N ARG A 240 1.37 5.77 12.73
CA ARG A 240 0.74 5.93 14.04
C ARG A 240 0.43 4.59 14.70
N LEU A 241 0.04 3.60 13.91
CA LEU A 241 -0.17 2.26 14.44
C LEU A 241 1.12 1.76 15.08
N LEU A 242 2.20 1.87 14.30
CA LEU A 242 3.52 1.39 14.73
C LEU A 242 3.96 2.08 16.00
N GLU A 243 3.74 3.40 16.06
CA GLU A 243 3.97 4.13 17.36
C GLU A 243 3.12 3.51 18.45
N LEU A 244 1.82 3.33 18.18
CA LEU A 244 0.88 2.84 19.20
C LEU A 244 1.28 1.48 19.76
N LEU A 245 1.65 0.56 18.87
CA LEU A 245 2.04 -0.77 19.26
C LEU A 245 3.32 -0.72 20.09
N GLU A 246 4.28 0.12 19.69
CA GLU A 246 5.54 0.25 20.40
C GLU A 246 5.32 0.72 21.83
N GLU A 247 4.36 1.62 22.07
CA GLU A 247 4.02 2.12 23.43
C GLU A 247 3.21 1.12 24.24
N GLY A 248 2.89 -0.05 23.66
CA GLY A 248 2.16 -1.08 24.34
C GLY A 248 0.65 -1.02 24.24
N GLN A 249 0.09 -0.07 23.51
CA GLN A 249 -1.36 -0.07 23.25
C GLN A 249 -1.71 -1.35 22.49
N ARG A 250 -2.81 -1.96 22.86
CA ARG A 250 -3.31 -3.12 22.17
C ARG A 250 -4.80 -2.90 21.99
N LEU A 251 -5.42 -3.78 21.21
CA LEU A 251 -6.88 -3.81 21.07
C LEU A 251 -7.54 -4.12 22.41
N PRO A 252 -8.66 -3.45 22.71
CA PRO A 252 -9.27 -3.68 24.01
C PRO A 252 -9.95 -5.06 24.06
N ALA A 253 -10.19 -5.58 25.25
CA ALA A 253 -10.83 -6.89 25.41
C ALA A 253 -12.35 -6.79 25.15
N PRO A 254 -12.89 -7.54 24.15
CA PRO A 254 -14.33 -7.47 23.96
C PRO A 254 -15.10 -7.97 25.20
N PRO A 255 -16.29 -7.39 25.45
CA PRO A 255 -17.26 -7.90 26.42
C PRO A 255 -17.50 -9.42 26.33
N ALA A 256 -17.66 -9.95 25.12
CA ALA A 256 -17.95 -11.37 24.94
C ALA A 256 -16.77 -12.28 25.30
N CYS A 257 -15.59 -11.68 25.41
CA CYS A 257 -14.36 -12.40 25.53
C CYS A 257 -14.23 -12.91 26.95
N PRO A 258 -14.12 -14.24 27.10
CA PRO A 258 -13.70 -14.78 28.39
C PRO A 258 -12.32 -14.22 28.74
N ALA A 259 -12.10 -13.95 30.03
CA ALA A 259 -10.83 -13.38 30.51
C ALA A 259 -9.60 -14.17 30.05
N GLU A 260 -9.71 -15.49 30.08
CA GLU A 260 -8.66 -16.39 29.64
C GLU A 260 -8.31 -16.21 28.14
N VAL A 261 -9.31 -15.96 27.31
CA VAL A 261 -9.09 -15.70 25.88
C VAL A 261 -8.46 -14.32 25.66
N HIS A 262 -8.77 -13.35 26.51
CA HIS A 262 -8.14 -12.03 26.46
C HIS A 262 -6.66 -12.17 26.73
N GLU A 263 -6.35 -12.98 27.73
CA GLU A 263 -4.97 -13.31 28.07
C GLU A 263 -4.26 -13.95 26.89
N LEU A 264 -4.87 -14.93 26.25
CA LEU A 264 -4.26 -15.52 25.04
C LEU A 264 -4.02 -14.46 23.96
N MET A 265 -4.97 -13.54 23.74
CA MET A 265 -4.75 -12.45 22.77
C MET A 265 -3.53 -11.58 23.08
N LYS A 266 -3.35 -11.16 24.35
CA LYS A 266 -2.23 -10.28 24.75
C LYS A 266 -0.90 -10.96 24.46
N LEU A 267 -0.78 -12.23 24.88
CA LEU A 267 0.39 -13.07 24.58
C LEU A 267 0.66 -13.29 23.08
N CYS A 268 -0.41 -13.41 22.30
CA CYS A 268 -0.31 -13.39 20.83
C CYS A 268 0.29 -12.07 20.36
N TRP A 269 0.12 -11.02 21.15
CA TRP A 269 0.65 -9.72 20.80
C TRP A 269 1.90 -9.32 21.59
N ALA A 270 2.58 -10.31 22.19
CA ALA A 270 3.90 -10.10 22.74
C ALA A 270 4.79 -9.28 21.78
N PRO A 271 5.31 -8.13 22.23
CA PRO A 271 6.20 -7.34 21.34
C PRO A 271 7.22 -8.17 20.55
N SER A 272 7.91 -9.07 21.24
CA SER A 272 8.96 -9.85 20.60
C SER A 272 8.35 -11.14 20.06
N PRO A 273 8.69 -11.53 18.80
CA PRO A 273 8.17 -12.78 18.23
C PRO A 273 8.48 -14.04 19.03
N GLN A 274 9.64 -14.13 19.67
CA GLN A 274 9.97 -15.28 20.51
C GLN A 274 9.16 -15.42 21.82
N ASP A 275 8.54 -14.34 22.27
CA ASP A 275 7.72 -14.34 23.48
C ASP A 275 6.28 -14.66 23.16
N ARG A 276 5.97 -14.82 21.88
CA ARG A 276 4.64 -15.28 21.45
C ARG A 276 4.52 -16.78 21.61
N PRO A 277 3.40 -17.26 22.13
CA PRO A 277 3.26 -18.70 22.23
C PRO A 277 3.08 -19.30 20.85
N SER A 278 3.44 -20.56 20.68
CA SER A 278 3.22 -21.18 19.38
C SER A 278 1.74 -21.60 19.22
N PHE A 279 1.41 -22.07 18.04
CA PHE A 279 0.07 -22.61 17.85
C PHE A 279 -0.07 -23.91 18.68
N SER A 280 1.02 -24.70 18.80
CA SER A 280 1.04 -25.91 19.67
C SER A 280 0.68 -25.59 21.13
N ALA A 281 1.04 -24.40 21.59
CA ALA A 281 0.76 -23.96 22.97
C ALA A 281 -0.59 -23.30 23.12
N LEU A 282 -1.03 -22.58 22.10
CA LEU A 282 -2.34 -21.95 22.11
C LEU A 282 -3.47 -23.01 22.03
N GLY A 283 -3.28 -23.99 21.13
CA GLY A 283 -4.33 -24.97 20.86
C GLY A 283 -4.95 -25.68 22.05
N PRO A 284 -4.13 -26.29 22.94
CA PRO A 284 -4.65 -26.99 24.15
C PRO A 284 -5.45 -26.09 25.09
N GLN A 285 -5.02 -24.84 25.23
CA GLN A 285 -5.77 -23.86 26.04
C GLN A 285 -7.16 -23.62 25.43
N LEU A 286 -7.22 -23.31 24.13
CA LEU A 286 -8.50 -23.04 23.50
C LEU A 286 -9.39 -24.30 23.54
N ASP A 287 -8.79 -25.48 23.34
CA ASP A 287 -9.47 -26.77 23.48
C ASP A 287 -10.00 -26.96 24.89
N MET A 288 -9.16 -26.65 25.89
CA MET A 288 -9.55 -26.65 27.32
C MET A 288 -10.82 -25.85 27.45
N LEU A 289 -10.77 -24.60 26.97
CA LEU A 289 -11.84 -23.64 27.15
C LEU A 289 -13.08 -24.06 26.37
N TRP A 290 -12.91 -24.48 25.12
CA TRP A 290 -14.04 -24.95 24.30
C TRP A 290 -14.68 -26.20 24.92
N SER A 291 -13.89 -27.25 25.12
CA SER A 291 -14.39 -28.51 25.75
C SER A 291 -14.98 -28.26 27.13
N GLY A 292 -14.42 -27.29 27.86
CA GLY A 292 -14.96 -26.88 29.15
C GLY A 292 -16.25 -26.07 29.13
N SER A 293 -16.61 -25.52 27.97
CA SER A 293 -17.81 -24.67 27.81
C SER A 293 -19.01 -25.37 27.14
N ARG A 294 -18.85 -26.61 26.68
CA ARG A 294 -20.01 -27.45 26.31
C ARG A 294 -20.86 -27.80 27.53
N ASP B 4 10.41 19.76 23.33
CA ASP B 4 10.63 19.17 21.99
C ASP B 4 11.72 19.93 21.21
N PRO B 5 12.60 19.20 20.50
CA PRO B 5 13.50 19.88 19.54
C PRO B 5 12.77 20.30 18.26
N THR B 6 11.51 19.88 18.10
CA THR B 6 10.68 20.26 16.96
C THR B 6 9.86 21.56 17.14
N ILE B 7 10.01 22.25 18.28
CA ILE B 7 9.37 23.55 18.42
C ILE B 7 10.43 24.61 18.20
N PHE B 8 10.24 25.39 17.14
CA PHE B 8 11.15 26.46 16.77
C PHE B 8 10.48 27.77 17.16
N GLU B 9 11.16 28.61 17.94
CA GLU B 9 10.57 29.89 18.31
C GLU B 9 10.55 30.86 17.15
N GLU B 10 9.35 31.30 16.78
CA GLU B 10 9.16 32.31 15.71
C GLU B 10 10.23 33.41 15.76
N ARG B 11 10.43 34.01 16.92
CA ARG B 11 11.36 35.14 17.01
C ARG B 11 12.82 34.80 16.61
N HIS B 12 13.23 33.53 16.65
CA HIS B 12 14.60 33.10 16.24
C HIS B 12 14.74 32.70 14.77
N LEU B 13 13.65 32.60 14.02
CA LEU B 13 13.72 32.32 12.59
C LEU B 13 13.95 33.62 11.82
N LYS B 14 15.13 33.72 11.19
CA LYS B 14 15.55 34.89 10.44
C LYS B 14 15.43 34.66 8.94
N TYR B 15 14.53 35.42 8.31
CA TYR B 15 14.24 35.31 6.91
C TYR B 15 15.44 35.69 6.04
N ILE B 16 15.66 34.88 5.01
CA ILE B 16 16.74 35.09 4.06
C ILE B 16 16.22 35.34 2.64
N SER B 17 15.48 34.35 2.11
CA SER B 17 15.04 34.38 0.72
C SER B 17 13.89 33.40 0.51
N GLN B 18 13.29 33.49 -0.69
CA GLN B 18 12.15 32.64 -1.05
C GLN B 18 12.65 31.42 -1.81
N LEU B 19 12.22 30.24 -1.42
CA LEU B 19 12.66 29.05 -2.18
C LEU B 19 11.69 28.64 -3.26
N GLY B 20 10.40 28.85 -3.01
CA GLY B 20 9.32 28.42 -3.91
C GLY B 20 8.08 29.03 -3.35
N LYS B 21 7.05 29.10 -4.19
CA LYS B 21 5.95 30.01 -4.01
C LYS B 21 4.70 29.49 -4.71
N GLY B 22 3.57 29.44 -4.01
CA GLY B 22 2.26 29.16 -4.63
C GLY B 22 1.28 30.31 -4.42
N ASN B 23 0.00 30.07 -4.73
CA ASN B 23 -1.07 31.02 -4.47
C ASN B 23 -1.25 31.28 -3.00
N PHE B 24 -1.21 30.19 -2.22
CA PHE B 24 -1.60 30.19 -0.82
C PHE B 24 -0.44 30.16 0.15
N GLY B 25 0.77 29.97 -0.35
CA GLY B 25 1.92 29.91 0.55
C GLY B 25 3.26 30.01 -0.13
N SER B 26 4.30 30.04 0.70
CA SER B 26 5.65 30.02 0.21
C SER B 26 6.59 29.26 1.17
N VAL B 27 7.65 28.75 0.61
CA VAL B 27 8.74 28.16 1.38
C VAL B 27 9.90 29.13 1.33
N GLU B 28 10.41 29.51 2.50
CA GLU B 28 11.42 30.54 2.63
C GLU B 28 12.69 29.94 3.25
N LEU B 29 13.85 30.32 2.69
CA LEU B 29 15.12 30.04 3.31
C LEU B 29 15.21 30.94 4.54
N CYS B 30 15.47 30.33 5.71
CA CYS B 30 15.61 31.06 6.97
C CYS B 30 16.80 30.52 7.72
N ARG B 31 17.35 31.31 8.64
CA ARG B 31 18.28 30.81 9.60
C ARG B 31 17.56 30.75 10.91
N TYR B 32 17.68 29.61 11.61
CA TYR B 32 17.19 29.50 12.96
C TYR B 32 18.32 29.94 13.82
N ASP B 33 18.21 31.12 14.41
CA ASP B 33 19.39 31.72 15.09
C ASP B 33 19.11 31.96 16.58
N PRO B 34 19.06 30.87 17.39
CA PRO B 34 18.79 31.04 18.84
C PRO B 34 19.82 31.89 19.59
N LEU B 35 21.10 31.81 19.20
CA LEU B 35 22.15 32.62 19.83
C LEU B 35 22.24 34.05 19.31
N GLY B 36 21.45 34.39 18.27
CA GLY B 36 21.31 35.77 17.81
C GLY B 36 22.54 36.38 17.18
N ASP B 37 23.57 35.57 16.93
CA ASP B 37 24.87 36.02 16.38
C ASP B 37 25.07 35.60 14.92
N ASN B 38 23.98 35.36 14.21
CA ASN B 38 23.97 34.86 12.81
C ASN B 38 24.81 33.58 12.55
N THR B 39 24.92 32.70 13.54
CA THR B 39 25.60 31.39 13.36
C THR B 39 24.66 30.15 13.27
N GLY B 40 23.36 30.36 13.43
CA GLY B 40 22.42 29.27 13.51
C GLY B 40 22.29 28.52 12.22
N ALA B 41 21.67 27.35 12.29
CA ALA B 41 21.46 26.46 11.12
C ALA B 41 20.47 27.09 10.15
N LEU B 42 20.66 26.81 8.86
CA LEU B 42 19.70 27.24 7.83
C LEU B 42 18.61 26.17 7.69
N VAL B 43 17.36 26.61 7.55
CA VAL B 43 16.20 25.72 7.42
C VAL B 43 15.31 26.29 6.32
N ALA B 44 14.39 25.46 5.88
CA ALA B 44 13.41 25.85 4.90
C ALA B 44 12.13 25.88 5.66
N VAL B 45 11.41 26.99 5.54
CA VAL B 45 10.26 27.23 6.35
C VAL B 45 9.07 27.59 5.48
N LYS B 46 7.99 26.86 5.68
CA LYS B 46 6.76 27.11 4.94
C LYS B 46 5.78 27.90 5.77
N GLN B 47 5.14 28.89 5.13
CA GLN B 47 4.04 29.64 5.72
C GLN B 47 2.99 30.01 4.68
N LEU B 48 1.79 30.33 5.13
CA LEU B 48 0.72 30.71 4.21
C LEU B 48 0.57 32.25 4.09
N GLN B 49 0.25 32.72 2.89
CA GLN B 49 -0.29 34.08 2.68
C GLN B 49 -1.45 33.98 1.66
N HIS B 50 -2.51 34.76 1.88
CA HIS B 50 -3.82 34.58 1.18
C HIS B 50 -4.54 33.31 1.62
N SER B 51 -4.68 33.13 2.93
CA SER B 51 -5.17 31.88 3.46
C SER B 51 -6.45 32.03 4.27
N GLY B 52 -7.51 31.38 3.78
CA GLY B 52 -8.72 31.16 4.55
C GLY B 52 -8.67 29.80 5.25
N PRO B 53 -9.76 29.45 5.96
CA PRO B 53 -9.90 28.19 6.69
C PRO B 53 -9.43 26.93 5.96
N ASP B 54 -9.86 26.75 4.70
CA ASP B 54 -9.49 25.57 3.87
C ASP B 54 -7.96 25.41 3.75
N GLN B 55 -7.27 26.52 3.45
CA GLN B 55 -5.83 26.48 3.20
C GLN B 55 -5.08 26.12 4.45
N GLN B 56 -5.49 26.73 5.57
CA GLN B 56 -4.91 26.43 6.88
C GLN B 56 -5.18 24.99 7.28
N ARG B 57 -6.38 24.51 6.93
CA ARG B 57 -6.74 23.12 7.22
C ARG B 57 -5.87 22.15 6.43
N ASP B 58 -5.66 22.43 5.15
CA ASP B 58 -4.77 21.59 4.34
C ASP B 58 -3.31 21.67 4.82
N PHE B 59 -2.91 22.84 5.32
CA PHE B 59 -1.53 23.04 5.80
C PHE B 59 -1.25 22.20 7.07
N GLN B 60 -2.24 22.16 7.95
CA GLN B 60 -2.21 21.28 9.10
C GLN B 60 -2.03 19.79 8.71
N ARG B 61 -2.74 19.36 7.67
CA ARG B 61 -2.54 18.04 7.06
CA ARG B 61 -2.54 18.05 7.02
C ARG B 61 -1.12 17.89 6.52
N GLU B 62 -0.67 18.85 5.72
CA GLU B 62 0.71 18.83 5.22
C GLU B 62 1.73 18.48 6.33
N ILE B 63 1.63 19.23 7.44
CA ILE B 63 2.51 19.12 8.61
C ILE B 63 2.44 17.72 9.22
N GLN B 64 1.25 17.19 9.38
CA GLN B 64 1.08 15.91 10.06
C GLN B 64 1.58 14.76 9.20
N ILE B 65 1.32 14.82 7.90
CA ILE B 65 1.90 13.87 6.91
C ILE B 65 3.44 13.89 6.94
N LEU B 66 4.03 15.05 6.65
CA LEU B 66 5.48 15.12 6.56
C LEU B 66 6.19 14.73 7.86
N LYS B 67 5.68 15.21 8.98
CA LYS B 67 6.11 14.76 10.31
C LYS B 67 6.18 13.24 10.49
N ALA B 68 5.20 12.53 9.97
CA ALA B 68 5.19 11.09 10.11
C ALA B 68 6.09 10.30 9.13
N LEU B 69 6.64 10.93 8.10
CA LEU B 69 7.45 10.24 7.09
C LEU B 69 8.95 10.20 7.43
N HIS B 70 9.55 9.03 7.29
CA HIS B 70 10.96 8.83 7.64
C HIS B 70 11.63 8.04 6.56
N SER B 71 11.91 8.72 5.45
CA SER B 71 12.54 8.12 4.30
C SER B 71 13.73 8.97 3.88
N ASP B 72 14.77 8.27 3.44
CA ASP B 72 15.95 8.84 2.82
C ASP B 72 15.63 9.64 1.55
N PHE B 73 14.47 9.37 0.94
CA PHE B 73 14.12 9.99 -0.34
C PHE B 73 12.93 10.93 -0.23
N ILE B 74 12.62 11.41 1.00
CA ILE B 74 11.61 12.40 1.23
C ILE B 74 12.17 13.48 2.15
N VAL B 75 11.89 14.74 1.80
CA VAL B 75 12.33 15.89 2.51
C VAL B 75 11.96 15.77 4.00
N LYS B 76 12.95 16.06 4.84
CA LYS B 76 12.86 15.84 6.26
C LYS B 76 12.17 17.00 7.00
N TYR B 77 11.10 16.66 7.72
CA TYR B 77 10.48 17.50 8.77
C TYR B 77 11.44 17.74 9.89
N ARG B 78 11.52 19.01 10.33
CA ARG B 78 12.30 19.37 11.51
C ARG B 78 11.39 19.84 12.63
N GLY B 79 10.39 20.65 12.31
CA GLY B 79 9.52 21.18 13.36
C GLY B 79 8.45 22.11 12.88
N VAL B 80 7.85 22.78 13.83
CA VAL B 80 6.94 23.86 13.54
C VAL B 80 7.33 25.06 14.39
N SER B 81 6.86 26.22 13.95
CA SER B 81 6.77 27.39 14.78
C SER B 81 5.37 27.95 14.76
N TYR B 82 5.13 28.85 15.71
CA TYR B 82 3.87 29.57 15.81
C TYR B 82 4.14 30.86 16.54
N GLY B 83 3.31 31.85 16.26
CA GLY B 83 3.52 33.21 16.75
C GLY B 83 2.15 33.78 17.05
N PRO B 84 2.09 35.06 17.48
CA PRO B 84 0.82 35.70 17.86
C PRO B 84 -0.38 35.53 16.88
N GLY B 85 -0.17 35.89 15.61
CA GLY B 85 -1.25 35.90 14.61
C GLY B 85 -1.88 34.55 14.28
N ARG B 86 -2.97 34.58 13.52
CA ARG B 86 -3.72 33.37 13.13
C ARG B 86 -3.12 32.62 11.92
N GLN B 87 -2.38 33.34 11.06
CA GLN B 87 -1.64 32.70 9.96
C GLN B 87 -0.18 32.43 10.33
N SER B 88 0.13 32.38 11.63
CA SER B 88 1.51 32.35 12.11
C SER B 88 2.12 30.95 12.21
N LEU B 89 1.33 29.90 11.97
CA LEU B 89 1.85 28.52 11.92
C LEU B 89 2.95 28.40 10.85
N ARG B 90 4.08 27.80 11.20
CA ARG B 90 5.16 27.51 10.25
C ARG B 90 5.56 26.04 10.27
N LEU B 91 5.99 25.56 9.12
CA LEU B 91 6.50 24.22 8.99
C LEU B 91 7.97 24.37 8.70
N VAL B 92 8.81 23.92 9.63
CA VAL B 92 10.28 23.98 9.45
C VAL B 92 10.73 22.66 8.87
N MET B 93 11.59 22.73 7.87
CA MET B 93 12.11 21.51 7.17
C MET B 93 13.58 21.69 6.94
N GLU B 94 14.26 20.61 6.57
CA GLU B 94 15.69 20.71 6.17
C GLU B 94 15.80 21.57 4.89
N TYR B 95 16.94 22.25 4.74
CA TYR B 95 17.22 23.04 3.59
C TYR B 95 18.22 22.30 2.74
N LEU B 96 17.86 22.05 1.49
CA LEU B 96 18.75 21.44 0.52
C LEU B 96 19.27 22.49 -0.49
N PRO B 97 20.55 22.93 -0.33
CA PRO B 97 21.10 24.08 -1.07
C PRO B 97 21.34 23.80 -2.55
N SER B 98 21.44 22.54 -2.92
CA SER B 98 21.59 22.22 -4.36
C SER B 98 20.29 22.47 -5.17
N GLY B 99 19.16 22.70 -4.51
CA GLY B 99 17.90 23.06 -5.19
C GLY B 99 17.17 21.88 -5.82
N CYS B 100 16.28 22.20 -6.74
CA CYS B 100 15.44 21.20 -7.33
C CYS B 100 16.15 20.46 -8.47
N LEU B 101 15.71 19.25 -8.69
CA LEU B 101 16.25 18.35 -9.75
C LEU B 101 16.07 18.85 -11.18
N ARG B 102 14.90 19.43 -11.45
CA ARG B 102 14.63 20.10 -12.74
C ARG B 102 15.77 21.06 -13.07
N ASP B 103 16.12 21.92 -12.13
CA ASP B 103 17.15 22.98 -12.40
C ASP B 103 18.56 22.39 -12.56
N PHE B 104 18.83 21.38 -11.74
CA PHE B 104 20.05 20.61 -11.68
C PHE B 104 20.29 19.84 -12.99
N LEU B 105 19.26 19.19 -13.51
CA LEU B 105 19.36 18.56 -14.84
C LEU B 105 19.58 19.55 -15.99
N GLN B 106 18.92 20.70 -15.96
CA GLN B 106 19.12 21.71 -17.00
C GLN B 106 20.56 22.28 -16.93
N ARG B 107 21.06 22.53 -15.72
CA ARG B 107 22.42 23.04 -15.55
C ARG B 107 23.45 22.00 -15.96
N HIS B 108 23.41 20.84 -15.36
CA HIS B 108 24.48 19.85 -15.47
C HIS B 108 24.26 18.75 -16.53
N ARG B 109 23.25 18.95 -17.36
CA ARG B 109 22.93 18.08 -18.47
C ARG B 109 24.13 17.25 -18.91
N ALA B 110 25.17 17.91 -19.37
CA ALA B 110 26.18 17.27 -20.19
C ALA B 110 27.08 16.30 -19.41
N ARG B 111 27.03 16.33 -18.07
CA ARG B 111 27.78 15.36 -17.27
C ARG B 111 26.90 14.35 -16.51
N LEU B 112 25.60 14.29 -16.81
CA LEU B 112 24.71 13.30 -16.19
C LEU B 112 24.30 12.23 -17.20
N ASP B 113 24.88 11.05 -17.07
CA ASP B 113 24.55 9.95 -17.97
C ASP B 113 23.23 9.27 -17.57
N ALA B 114 22.79 8.44 -18.47
CA ALA B 114 21.66 7.53 -18.28
C ALA B 114 21.71 6.76 -16.94
N SER B 115 22.92 6.33 -16.55
CA SER B 115 23.10 5.59 -15.32
C SER B 115 22.69 6.43 -14.10
N ARG B 116 23.11 7.69 -14.08
CA ARG B 116 22.73 8.62 -12.99
C ARG B 116 21.19 8.93 -13.02
N LEU B 117 20.61 9.09 -14.22
CA LEU B 117 19.17 9.40 -14.31
C LEU B 117 18.39 8.21 -13.79
N LEU B 118 18.91 7.01 -14.07
CA LEU B 118 18.34 5.76 -13.54
C LEU B 118 18.45 5.66 -12.01
N LEU B 119 19.54 6.08 -11.41
CA LEU B 119 19.66 6.20 -9.94
C LEU B 119 18.59 7.17 -9.35
N TYR B 120 18.42 8.33 -9.97
CA TYR B 120 17.38 9.27 -9.50
C TYR B 120 15.99 8.70 -9.62
N SER B 121 15.75 8.01 -10.75
CA SER B 121 14.49 7.35 -11.04
C SER B 121 14.22 6.34 -9.99
N SER B 122 15.23 5.55 -9.66
CA SER B 122 15.05 4.49 -8.66
C SER B 122 14.82 5.09 -7.27
N GLN B 123 15.51 6.20 -6.95
CA GLN B 123 15.27 6.92 -5.67
C GLN B 123 13.90 7.55 -5.54
N ILE B 124 13.44 8.19 -6.59
CA ILE B 124 12.10 8.83 -6.57
C ILE B 124 11.06 7.70 -6.37
N CYS B 125 11.27 6.57 -7.03
CA CYS B 125 10.33 5.46 -6.98
C CYS B 125 10.24 4.85 -5.56
N LYS B 126 11.36 4.79 -4.83
CA LYS B 126 11.39 4.32 -3.47
C LYS B 126 10.65 5.24 -2.53
N GLY B 127 10.98 6.52 -2.58
CA GLY B 127 10.19 7.56 -1.91
C GLY B 127 8.69 7.37 -2.16
N MET B 128 8.28 7.12 -3.41
CA MET B 128 6.83 6.97 -3.72
C MET B 128 6.30 5.65 -3.22
N GLU B 129 7.12 4.59 -3.27
CA GLU B 129 6.73 3.33 -2.60
C GLU B 129 6.46 3.50 -1.13
N TYR B 130 7.37 4.22 -0.48
CA TYR B 130 7.19 4.60 0.94
C TYR B 130 5.91 5.38 1.20
N LEU B 131 5.60 6.37 0.36
CA LEU B 131 4.31 7.06 0.48
C LEU B 131 3.08 6.16 0.29
N GLY B 132 3.11 5.31 -0.74
CA GLY B 132 2.08 4.34 -0.96
C GLY B 132 1.86 3.39 0.19
N SER B 133 2.94 2.98 0.87
CA SER B 133 2.80 2.12 2.07
C SER B 133 2.14 2.86 3.25
N ARG B 134 2.16 4.18 3.19
CA ARG B 134 1.45 5.03 4.15
C ARG B 134 0.11 5.56 3.59
N ARG B 135 -0.30 5.07 2.42
CA ARG B 135 -1.60 5.43 1.84
C ARG B 135 -1.73 6.93 1.53
N CYS B 136 -0.58 7.53 1.17
CA CYS B 136 -0.44 8.91 0.85
C CYS B 136 -0.34 9.11 -0.67
N VAL B 137 -1.21 9.96 -1.18
CA VAL B 137 -1.18 10.36 -2.58
C VAL B 137 -0.53 11.75 -2.56
N HIS B 138 0.53 11.89 -3.30
CA HIS B 138 1.34 13.09 -3.32
C HIS B 138 0.71 14.24 -4.15
N ARG B 139 0.31 13.98 -5.39
CA ARG B 139 -0.45 14.94 -6.24
C ARG B 139 0.34 16.10 -6.88
N ALA B 140 1.65 16.06 -6.78
CA ALA B 140 2.52 17.16 -7.21
C ALA B 140 3.92 16.64 -7.58
N LEU B 141 3.98 15.38 -7.98
CA LEU B 141 5.20 14.73 -8.35
C LEU B 141 5.65 15.22 -9.70
N ALA B 142 6.72 16.01 -9.70
CA ALA B 142 7.31 16.61 -10.89
C ALA B 142 8.76 16.92 -10.49
N ALA B 143 9.68 16.93 -11.46
CA ALA B 143 11.12 17.19 -11.15
C ALA B 143 11.39 18.54 -10.44
N ARG B 144 10.56 19.55 -10.68
CA ARG B 144 10.74 20.84 -9.97
C ARG B 144 10.48 20.73 -8.46
N ASN B 145 9.77 19.68 -8.03
CA ASN B 145 9.45 19.43 -6.62
C ASN B 145 10.26 18.29 -6.00
N ILE B 146 11.20 17.72 -6.77
CA ILE B 146 12.20 16.81 -6.30
C ILE B 146 13.47 17.63 -5.94
N LEU B 147 14.09 17.37 -4.78
CA LEU B 147 15.31 18.13 -4.39
C LEU B 147 16.59 17.32 -4.47
N VAL B 148 17.71 18.03 -4.68
CA VAL B 148 19.05 17.40 -4.75
C VAL B 148 19.68 17.57 -3.38
N GLU B 149 19.96 16.44 -2.74
CA GLU B 149 20.65 16.36 -1.46
C GLU B 149 22.12 16.26 -1.76
N SER B 150 22.48 15.50 -2.78
CA SER B 150 23.84 15.48 -3.29
C SER B 150 23.67 15.09 -4.74
N GLU B 151 24.78 15.00 -5.45
CA GLU B 151 24.71 14.58 -6.86
C GLU B 151 24.21 13.12 -7.12
N ALA B 152 24.26 12.25 -6.11
CA ALA B 152 23.78 10.86 -6.21
C ALA B 152 22.60 10.58 -5.26
N HIS B 153 21.85 11.62 -4.90
CA HIS B 153 20.81 11.49 -3.90
C HIS B 153 19.75 12.61 -3.99
N VAL B 154 18.52 12.17 -4.28
CA VAL B 154 17.35 13.05 -4.39
C VAL B 154 16.23 12.75 -3.41
N LYS B 155 15.42 13.78 -3.13
CA LYS B 155 14.36 13.67 -2.19
C LYS B 155 13.09 14.34 -2.68
N ILE B 156 11.95 13.73 -2.38
CA ILE B 156 10.65 14.26 -2.75
C ILE B 156 10.19 15.36 -1.73
N ALA B 157 9.76 16.49 -2.30
CA ALA B 157 9.33 17.66 -1.60
C ALA B 157 7.94 18.06 -2.07
N ASP B 158 7.53 19.28 -1.73
CA ASP B 158 6.17 19.82 -1.97
C ASP B 158 5.01 18.88 -1.67
N PHE B 159 4.66 18.78 -0.41
CA PHE B 159 3.57 18.00 0.06
C PHE B 159 2.35 18.89 0.26
N GLY B 160 2.33 20.09 -0.35
CA GLY B 160 1.17 20.99 -0.23
C GLY B 160 -0.19 20.39 -0.55
N LEU B 161 -0.24 19.51 -1.55
CA LEU B 161 -1.46 18.87 -2.01
C LEU B 161 -1.63 17.40 -1.57
N ALA B 162 -0.65 16.82 -0.88
CA ALA B 162 -0.70 15.41 -0.48
C ALA B 162 -1.88 15.10 0.40
N LYS B 163 -2.40 13.89 0.26
CA LYS B 163 -3.57 13.51 1.02
C LYS B 163 -3.58 12.02 1.23
N LEU B 164 -4.06 11.63 2.41
CA LEU B 164 -4.17 10.23 2.78
C LEU B 164 -5.48 9.68 2.19
N LEU B 165 -5.39 8.46 1.69
CA LEU B 165 -6.55 7.66 1.32
C LEU B 165 -7.30 7.25 2.57
N PRO B 166 -8.64 7.22 2.51
CA PRO B 166 -9.42 6.57 3.56
C PRO B 166 -8.91 5.14 3.77
N LEU B 167 -9.13 4.61 4.95
CA LEU B 167 -8.79 3.20 5.21
C LEU B 167 -9.59 2.22 4.32
N ASP B 168 -10.80 2.58 3.92
CA ASP B 168 -11.68 1.70 3.12
C ASP B 168 -11.71 1.97 1.61
N LYS B 169 -11.04 3.01 1.13
CA LYS B 169 -11.04 3.34 -0.32
C LYS B 169 -9.60 3.57 -0.80
N ASP B 170 -9.30 3.14 -2.03
CA ASP B 170 -7.96 3.35 -2.66
C ASP B 170 -7.91 4.54 -3.65
N TYR B 171 -8.93 5.39 -3.62
CA TYR B 171 -8.88 6.69 -4.24
C TYR B 171 -9.62 7.67 -3.33
N TYR B 172 -9.55 8.95 -3.68
CA TYR B 172 -10.49 9.95 -3.20
C TYR B 172 -10.76 10.92 -4.34
N VAL B 173 -11.71 11.80 -4.10
CA VAL B 173 -12.10 12.80 -5.05
C VAL B 173 -11.95 14.17 -4.42
N VAL B 174 -11.50 15.12 -5.21
CA VAL B 174 -11.43 16.54 -4.80
C VAL B 174 -12.50 17.33 -5.53
N ARG B 175 -12.77 18.56 -5.10
CA ARG B 175 -13.94 19.31 -5.64
C ARG B 175 -13.70 19.96 -7.02
N GLN B 179 -5.09 25.55 -9.05
CA GLN B 179 -4.42 25.22 -10.29
C GLN B 179 -3.64 23.92 -10.17
N SER B 180 -3.85 23.00 -11.13
CA SER B 180 -3.08 21.75 -11.29
C SER B 180 -2.07 21.82 -12.47
N PRO B 181 -0.94 21.08 -12.39
CA PRO B 181 0.00 21.00 -13.50
C PRO B 181 -0.52 20.00 -14.56
N ILE B 182 -1.31 20.48 -15.55
CA ILE B 182 -2.18 19.57 -16.32
C ILE B 182 -1.41 18.47 -17.00
N PHE B 183 -0.20 18.78 -17.47
CA PHE B 183 0.59 17.80 -18.26
C PHE B 183 1.24 16.69 -17.44
N TRP B 184 1.12 16.75 -16.10
CA TRP B 184 1.63 15.70 -15.19
C TRP B 184 0.50 14.84 -14.65
N TYR B 185 -0.77 15.20 -14.97
CA TYR B 185 -1.94 14.59 -14.33
C TYR B 185 -2.59 13.51 -15.13
N ALA B 186 -3.11 12.50 -14.45
CA ALA B 186 -3.71 11.37 -15.08
C ALA B 186 -5.04 11.84 -15.62
N PRO B 187 -5.48 11.23 -16.71
CA PRO B 187 -6.76 11.64 -17.34
C PRO B 187 -7.93 11.61 -16.38
N GLU B 188 -8.03 10.57 -15.56
CA GLU B 188 -9.11 10.48 -14.56
C GLU B 188 -9.09 11.57 -13.52
N SER B 189 -7.94 12.16 -13.29
CA SER B 189 -7.77 13.27 -12.32
C SER B 189 -8.23 14.55 -12.95
N LEU B 190 -7.90 14.69 -14.24
CA LEU B 190 -8.20 15.87 -15.02
C LEU B 190 -9.68 15.99 -15.21
N SER B 191 -10.34 14.88 -15.52
CA SER B 191 -11.72 14.86 -15.97
C SER B 191 -12.73 14.69 -14.86
N ASP B 192 -12.36 13.88 -13.87
CA ASP B 192 -13.23 13.43 -12.80
C ASP B 192 -12.70 13.75 -11.38
N ASN B 193 -11.55 14.46 -11.27
CA ASN B 193 -10.94 14.82 -9.98
C ASN B 193 -10.72 13.55 -9.13
N ILE B 194 -10.40 12.45 -9.79
CA ILE B 194 -10.10 11.24 -9.09
C ILE B 194 -8.57 11.10 -8.89
N PHE B 195 -8.18 10.92 -7.65
CA PHE B 195 -6.78 10.75 -7.26
C PHE B 195 -6.55 9.42 -6.51
N SER B 196 -5.38 8.81 -6.74
CA SER B 196 -5.01 7.56 -6.11
C SER B 196 -3.52 7.38 -6.27
N ARG B 197 -2.99 6.29 -5.71
CA ARG B 197 -1.56 5.96 -5.88
C ARG B 197 -1.22 5.67 -7.37
N GLN B 198 -2.20 5.16 -8.05
CA GLN B 198 -2.17 4.98 -9.48
C GLN B 198 -2.17 6.32 -10.31
N SER B 199 -2.83 7.39 -9.84
CA SER B 199 -2.70 8.71 -10.51
C SER B 199 -1.27 9.31 -10.29
N ASP B 200 -0.65 8.98 -9.18
CA ASP B 200 0.75 9.37 -8.95
C ASP B 200 1.68 8.58 -9.87
N VAL B 201 1.33 7.32 -10.22
CA VAL B 201 2.13 6.51 -11.17
C VAL B 201 2.21 7.16 -12.54
N TRP B 202 1.06 7.68 -13.01
CA TRP B 202 0.98 8.43 -14.25
C TRP B 202 1.96 9.61 -14.19
N SER B 203 1.87 10.40 -13.10
CA SER B 203 2.81 11.53 -12.88
C SER B 203 4.25 11.10 -12.91
N PHE B 204 4.56 9.96 -12.33
CA PHE B 204 5.94 9.45 -12.27
C PHE B 204 6.51 9.13 -13.66
N GLY B 205 5.66 8.54 -14.48
CA GLY B 205 5.90 8.41 -15.94
C GLY B 205 6.31 9.74 -16.56
N VAL B 206 5.64 10.83 -16.22
CA VAL B 206 6.02 12.14 -16.78
C VAL B 206 7.37 12.60 -16.14
N VAL B 207 7.60 12.27 -14.88
CA VAL B 207 8.90 12.48 -14.25
C VAL B 207 10.01 11.74 -14.94
N LEU B 208 9.75 10.48 -15.33
CA LEU B 208 10.73 9.78 -16.13
C LEU B 208 11.00 10.53 -17.40
N TYR B 209 9.95 11.01 -18.07
CA TYR B 209 10.16 11.76 -19.26
C TYR B 209 10.96 13.08 -19.04
N GLU B 210 10.72 13.76 -17.92
CA GLU B 210 11.54 14.87 -17.53
C GLU B 210 13.04 14.50 -17.31
N LEU B 211 13.28 13.41 -16.60
CA LEU B 211 14.65 12.93 -16.29
C LEU B 211 15.37 12.64 -17.60
N PHE B 212 14.69 11.94 -18.52
CA PHE B 212 15.39 11.54 -19.73
C PHE B 212 15.34 12.53 -20.90
N THR B 213 14.64 13.66 -20.74
CA THR B 213 14.88 14.83 -21.55
C THR B 213 15.80 15.87 -20.86
N TYR B 214 16.26 15.60 -19.63
CA TYR B 214 17.11 16.52 -18.87
C TYR B 214 16.35 17.79 -18.61
N CYS B 215 15.03 17.66 -18.49
CA CYS B 215 14.10 18.81 -18.44
C CYS B 215 14.35 19.89 -19.51
N ASP B 216 14.76 19.50 -20.70
CA ASP B 216 14.95 20.46 -21.75
C ASP B 216 13.63 21.16 -22.03
N LYS B 217 13.70 22.48 -22.11
CA LYS B 217 12.49 23.27 -22.30
C LYS B 217 11.94 23.13 -23.73
N SER B 218 12.80 22.84 -24.70
CA SER B 218 12.34 22.56 -26.07
C SER B 218 11.51 21.27 -26.16
N CYS B 219 11.81 20.33 -25.27
CA CYS B 219 11.23 18.99 -25.19
C CYS B 219 10.15 18.87 -24.15
N SER B 220 9.81 19.96 -23.45
CA SER B 220 8.93 19.90 -22.31
C SER B 220 7.56 19.28 -22.68
N PRO B 221 6.83 18.76 -21.68
CA PRO B 221 5.46 18.31 -21.92
C PRO B 221 4.55 19.38 -22.57
N SER B 222 4.62 20.60 -22.10
CA SER B 222 3.89 21.70 -22.69
C SER B 222 4.31 21.94 -24.13
N ALA B 223 5.62 21.90 -24.39
CA ALA B 223 6.15 22.13 -25.74
C ALA B 223 5.75 21.03 -26.72
N GLU B 224 5.80 19.79 -26.25
CA GLU B 224 5.36 18.65 -27.05
C GLU B 224 3.83 18.73 -27.33
N PHE B 225 3.05 19.21 -26.36
CA PHE B 225 1.62 19.41 -26.54
C PHE B 225 1.32 20.43 -27.64
N LEU B 226 2.04 21.57 -27.61
CA LEU B 226 1.88 22.59 -28.64
C LEU B 226 2.22 22.06 -30.03
N ARG B 227 3.16 21.14 -30.12
CA ARG B 227 3.50 20.44 -31.37
C ARG B 227 2.50 19.36 -31.78
N MET B 228 1.93 18.66 -30.79
CA MET B 228 0.92 17.59 -31.03
C MET B 228 -0.46 18.15 -31.32
N MET B 229 -0.59 19.47 -31.18
CA MET B 229 -1.88 20.13 -31.17
C MET B 229 -2.62 20.12 -32.49
N GLY B 230 -1.88 20.09 -33.59
CA GLY B 230 -2.45 20.36 -34.92
C GLY B 230 -2.39 21.87 -35.17
N SER B 231 -3.12 22.33 -36.19
CA SER B 231 -3.23 23.75 -36.50
C SER B 231 -4.34 24.50 -35.75
N GLU B 232 -5.07 23.82 -34.87
CA GLU B 232 -6.15 24.44 -34.10
C GLU B 232 -5.56 24.82 -32.75
N ARG B 233 -5.02 26.04 -32.68
CA ARG B 233 -4.30 26.54 -31.47
C ARG B 233 -5.19 27.34 -30.52
N ASP B 234 -6.44 27.61 -30.91
CA ASP B 234 -7.43 28.31 -30.05
C ASP B 234 -8.30 27.35 -29.26
N VAL B 235 -7.95 26.07 -29.28
CA VAL B 235 -8.65 25.07 -28.52
C VAL B 235 -8.03 25.10 -27.15
N PRO B 236 -8.86 25.16 -26.10
CA PRO B 236 -8.39 24.99 -24.71
C PRO B 236 -7.45 23.81 -24.50
N ALA B 237 -6.35 24.04 -23.79
CA ALA B 237 -5.34 23.02 -23.55
C ALA B 237 -5.92 21.76 -22.93
N LEU B 238 -6.70 21.93 -21.87
CA LEU B 238 -7.17 20.78 -21.12
C LEU B 238 -8.11 19.94 -21.96
N SER B 239 -8.99 20.61 -22.71
CA SER B 239 -9.95 19.90 -23.55
C SER B 239 -9.22 19.08 -24.57
N ARG B 240 -8.30 19.70 -25.27
CA ARG B 240 -7.53 19.04 -26.32
C ARG B 240 -6.57 17.97 -25.80
N LEU B 241 -5.99 18.21 -24.65
CA LEU B 241 -5.10 17.22 -24.04
C LEU B 241 -5.92 15.96 -23.81
N LEU B 242 -7.11 16.15 -23.21
CA LEU B 242 -7.99 15.03 -22.86
C LEU B 242 -8.40 14.25 -24.08
N GLU B 243 -8.75 14.95 -25.17
CA GLU B 243 -8.97 14.28 -26.47
C GLU B 243 -7.73 13.50 -26.85
N LEU B 244 -6.55 14.14 -26.80
CA LEU B 244 -5.30 13.49 -27.23
C LEU B 244 -4.98 12.21 -26.47
N LEU B 245 -5.12 12.26 -25.16
CA LEU B 245 -4.84 11.10 -24.32
C LEU B 245 -5.84 9.98 -24.62
N GLU B 246 -7.13 10.34 -24.84
CA GLU B 246 -8.15 9.35 -25.14
C GLU B 246 -7.87 8.59 -26.44
N GLU B 247 -7.33 9.27 -27.45
CA GLU B 247 -6.92 8.65 -28.74
C GLU B 247 -5.63 7.82 -28.63
N GLY B 248 -5.01 7.78 -27.47
CA GLY B 248 -3.78 7.03 -27.26
C GLY B 248 -2.49 7.76 -27.55
N GLN B 249 -2.53 9.05 -27.91
CA GLN B 249 -1.29 9.83 -28.03
C GLN B 249 -0.60 9.88 -26.69
N ARG B 250 0.70 9.71 -26.70
CA ARG B 250 1.48 9.85 -25.49
C ARG B 250 2.68 10.70 -25.85
N LEU B 251 3.44 11.06 -24.83
CA LEU B 251 4.70 11.78 -25.01
C LEU B 251 5.66 10.89 -25.76
N PRO B 252 6.45 11.47 -26.68
CA PRO B 252 7.37 10.63 -27.43
C PRO B 252 8.59 10.20 -26.57
N ALA B 253 9.26 9.14 -26.99
CA ALA B 253 10.40 8.59 -26.23
C ALA B 253 11.63 9.48 -26.43
N PRO B 254 12.22 10.03 -25.34
CA PRO B 254 13.44 10.77 -25.55
C PRO B 254 14.59 9.90 -26.11
N PRO B 255 15.45 10.51 -26.94
CA PRO B 255 16.72 9.93 -27.37
C PRO B 255 17.54 9.30 -26.25
N ALA B 256 17.65 9.99 -25.11
CA ALA B 256 18.46 9.50 -23.98
C ALA B 256 17.85 8.29 -23.29
N CYS B 257 16.59 8.02 -23.60
CA CYS B 257 15.82 7.04 -22.89
C CYS B 257 16.21 5.65 -23.37
N PRO B 258 16.69 4.80 -22.45
CA PRO B 258 16.80 3.39 -22.77
C PRO B 258 15.40 2.85 -23.14
N ALA B 259 15.36 1.93 -24.10
CA ALA B 259 14.08 1.37 -24.56
C ALA B 259 13.23 0.80 -23.43
N GLU B 260 13.88 0.11 -22.50
CA GLU B 260 13.22 -0.45 -21.33
C GLU B 260 12.54 0.62 -20.43
N VAL B 261 13.18 1.78 -20.30
CA VAL B 261 12.58 2.91 -19.54
C VAL B 261 11.41 3.54 -20.32
N HIS B 262 11.46 3.53 -21.64
CA HIS B 262 10.33 4.00 -22.45
C HIS B 262 9.12 3.12 -22.20
N GLU B 263 9.38 1.81 -22.17
CA GLU B 263 8.35 0.84 -21.85
C GLU B 263 7.71 1.06 -20.49
N LEU B 264 8.53 1.28 -19.47
CA LEU B 264 8.00 1.66 -18.17
C LEU B 264 7.14 2.94 -18.22
N MET B 265 7.57 3.98 -18.98
CA MET B 265 6.74 5.19 -19.16
C MET B 265 5.38 4.93 -19.78
N LYS B 266 5.33 4.15 -20.87
CA LYS B 266 4.03 3.82 -21.54
C LYS B 266 3.05 3.13 -20.59
N LEU B 267 3.53 2.12 -19.87
CA LEU B 267 2.78 1.43 -18.81
C LEU B 267 2.33 2.35 -17.67
N CYS B 268 3.17 3.30 -17.30
CA CYS B 268 2.77 4.36 -16.36
C CYS B 268 1.60 5.13 -16.90
N TRP B 269 1.48 5.15 -18.24
CA TRP B 269 0.41 5.88 -18.87
C TRP B 269 -0.69 5.01 -19.43
N ALA B 270 -0.77 3.77 -18.96
CA ALA B 270 -1.93 2.92 -19.21
C ALA B 270 -3.25 3.73 -19.03
N PRO B 271 -4.10 3.78 -20.05
CA PRO B 271 -5.40 4.44 -19.89
C PRO B 271 -6.13 4.19 -18.55
N SER B 272 -6.25 2.91 -18.19
CA SER B 272 -6.99 2.55 -16.98
C SER B 272 -6.04 2.51 -15.81
N PRO B 273 -6.44 3.12 -14.67
CA PRO B 273 -5.55 3.15 -13.49
C PRO B 273 -5.13 1.77 -12.98
N GLN B 274 -5.99 0.79 -13.07
CA GLN B 274 -5.65 -0.58 -12.65
C GLN B 274 -4.62 -1.32 -13.53
N ASP B 275 -4.41 -0.83 -14.74
CA ASP B 275 -3.45 -1.41 -15.67
C ASP B 275 -2.09 -0.78 -15.53
N ARG B 276 -2.00 0.22 -14.65
CA ARG B 276 -0.73 0.86 -14.33
C ARG B 276 0.01 0.02 -13.33
N PRO B 277 1.33 -0.15 -13.52
CA PRO B 277 2.07 -0.92 -12.52
C PRO B 277 2.22 -0.13 -11.24
N SER B 278 2.38 -0.80 -10.12
CA SER B 278 2.56 -0.05 -8.88
C SER B 278 3.99 0.45 -8.75
N PHE B 279 4.24 1.27 -7.75
CA PHE B 279 5.61 1.64 -7.47
C PHE B 279 6.44 0.40 -7.04
N SER B 280 5.83 -0.52 -6.28
CA SER B 280 6.48 -1.81 -5.93
C SER B 280 6.97 -2.59 -7.16
N ALA B 281 6.26 -2.49 -8.27
CA ALA B 281 6.60 -3.17 -9.52
C ALA B 281 7.55 -2.40 -10.39
N LEU B 282 7.44 -1.07 -10.38
CA LEU B 282 8.35 -0.25 -11.14
C LEU B 282 9.75 -0.28 -10.52
N GLY B 283 9.82 -0.17 -9.19
CA GLY B 283 11.10 -0.06 -8.46
C GLY B 283 12.17 -1.07 -8.85
N PRO B 284 11.87 -2.40 -8.78
CA PRO B 284 12.87 -3.45 -9.11
C PRO B 284 13.40 -3.35 -10.52
N GLN B 285 12.53 -3.00 -11.47
CA GLN B 285 12.96 -2.81 -12.85
C GLN B 285 13.98 -1.67 -12.93
N LEU B 286 13.65 -0.51 -12.37
CA LEU B 286 14.57 0.65 -12.42
C LEU B 286 15.88 0.33 -11.67
N ASP B 287 15.76 -0.39 -10.55
CA ASP B 287 16.93 -0.90 -9.83
C ASP B 287 17.77 -1.84 -10.70
N MET B 288 17.09 -2.77 -11.38
CA MET B 288 17.71 -3.71 -12.35
C MET B 288 18.54 -2.89 -13.31
N LEU B 289 17.89 -1.91 -13.91
CA LEU B 289 18.50 -1.08 -14.98
C LEU B 289 19.61 -0.22 -14.42
N TRP B 290 19.38 0.42 -13.27
CA TRP B 290 20.42 1.24 -12.62
C TRP B 290 21.63 0.39 -12.22
N SER B 291 21.40 -0.64 -11.39
CA SER B 291 22.48 -1.56 -10.95
C SER B 291 23.19 -2.23 -12.13
N GLY B 292 22.44 -2.50 -13.20
CA GLY B 292 23.00 -3.01 -14.45
C GLY B 292 23.82 -2.04 -15.28
N SER B 293 23.69 -0.74 -15.03
CA SER B 293 24.38 0.30 -15.80
C SER B 293 25.61 0.91 -15.12
N ARG B 294 25.89 0.54 -13.87
CA ARG B 294 27.18 0.88 -13.23
C ARG B 294 28.34 0.16 -13.90
#